data_1Z54
#
_entry.id   1Z54
#
_cell.length_a   50.315
_cell.length_b   98.746
_cell.length_c   55.339
_cell.angle_alpha   90.00
_cell.angle_beta   112.10
_cell.angle_gamma   90.00
#
_symmetry.space_group_name_H-M   'P 1 21 1'
#
loop_
_entity.id
_entity.type
_entity.pdbx_description
1 polymer 'probable thioesterase'
2 non-polymer GLYCEROL
3 water water
#
_entity_poly.entity_id   1
_entity_poly.type   'polypeptide(L)'
_entity_poly.pdbx_seq_one_letter_code
;MESVTRIKVRYAETDQMGVVHHSVYAVYLEAARVDFLERAGLPYHRVEARGVFFPVVELGLTFRAPARFGEVVEVRTRLA
ELSSRALLFRYRVEREGVLLAEGFTRHLCQVGERAARIPEDIYRALSVLHLK
;
_entity_poly.pdbx_strand_id   A,B,C,D
#
loop_
_chem_comp.id
_chem_comp.type
_chem_comp.name
_chem_comp.formula
GOL non-polymer GLYCEROL 'C3 H8 O3'
#
# COMPACT_ATOMS: atom_id res chain seq x y z
N MET A 1 22.92 -0.68 16.29
CA MET A 1 22.77 -2.16 16.15
C MET A 1 22.23 -2.81 17.43
N GLU A 2 21.06 -2.38 17.88
CA GLU A 2 20.46 -2.94 19.07
C GLU A 2 19.60 -4.13 18.70
N SER A 3 18.53 -3.90 17.95
CA SER A 3 17.65 -5.00 17.53
C SER A 3 17.68 -5.14 16.02
N VAL A 4 17.46 -6.36 15.54
CA VAL A 4 17.44 -6.62 14.10
C VAL A 4 16.14 -7.29 13.68
N THR A 5 15.51 -6.74 12.65
CA THR A 5 14.26 -7.26 12.15
C THR A 5 14.41 -7.77 10.74
N ARG A 6 14.16 -9.06 10.53
CA ARG A 6 14.27 -9.64 9.20
C ARG A 6 12.94 -9.46 8.45
N ILE A 7 13.01 -8.98 7.22
CA ILE A 7 11.80 -8.77 6.44
C ILE A 7 11.93 -9.36 5.04
N LYS A 8 11.06 -10.30 4.72
CA LYS A 8 11.07 -10.92 3.40
C LYS A 8 10.30 -10.00 2.44
N VAL A 9 10.97 -9.52 1.40
CA VAL A 9 10.33 -8.63 0.44
C VAL A 9 9.10 -9.28 -0.18
N ARG A 10 8.02 -8.51 -0.28
CA ARG A 10 6.80 -8.99 -0.88
C ARG A 10 6.68 -8.48 -2.32
N TYR A 11 6.16 -9.33 -3.20
CA TYR A 11 6.01 -9.00 -4.62
C TYR A 11 5.30 -7.66 -4.80
N ALA A 12 4.20 -7.48 -4.08
CA ALA A 12 3.41 -6.25 -4.14
C ALA A 12 4.22 -4.98 -3.87
N GLU A 13 5.34 -5.13 -3.16
CA GLU A 13 6.17 -3.98 -2.81
C GLU A 13 7.17 -3.53 -3.89
N THR A 14 7.32 -4.31 -4.95
CA THR A 14 8.23 -3.96 -6.04
C THR A 14 7.58 -2.96 -7.01
N ASP A 15 8.38 -2.11 -7.63
CA ASP A 15 7.85 -1.14 -8.61
C ASP A 15 8.18 -1.59 -10.04
N GLN A 16 7.94 -0.70 -11.01
CA GLN A 16 8.19 -1.01 -12.42
C GLN A 16 9.68 -1.16 -12.74
N MET A 17 10.52 -0.45 -12.01
CA MET A 17 11.96 -0.53 -12.23
C MET A 17 12.51 -1.85 -11.65
N GLY A 18 11.61 -2.65 -11.07
CA GLY A 18 12.00 -3.94 -10.53
C GLY A 18 12.67 -3.95 -9.16
N VAL A 19 12.39 -2.93 -8.35
CA VAL A 19 12.96 -2.84 -7.01
C VAL A 19 11.86 -2.47 -6.01
N VAL A 20 12.15 -2.57 -4.72
CA VAL A 20 11.16 -2.22 -3.71
C VAL A 20 10.92 -0.72 -3.86
N HIS A 21 9.66 -0.33 -3.97
CA HIS A 21 9.35 1.09 -4.14
C HIS A 21 9.81 1.88 -2.92
N HIS A 22 10.40 3.04 -3.16
CA HIS A 22 10.91 3.86 -2.07
C HIS A 22 9.92 4.18 -0.95
N SER A 23 8.62 4.20 -1.25
CA SER A 23 7.65 4.50 -0.18
C SER A 23 7.50 3.32 0.76
N VAL A 24 7.83 2.13 0.28
CA VAL A 24 7.72 0.92 1.09
C VAL A 24 8.69 0.91 2.28
N TYR A 25 9.86 1.53 2.10
CA TYR A 25 10.85 1.53 3.18
C TYR A 25 10.36 2.08 4.52
N ALA A 26 9.50 3.09 4.50
CA ALA A 26 8.99 3.63 5.75
C ALA A 26 8.19 2.54 6.48
N VAL A 27 7.54 1.67 5.72
CA VAL A 27 6.77 0.58 6.31
C VAL A 27 7.74 -0.42 6.95
N TYR A 28 8.84 -0.69 6.27
CA TYR A 28 9.86 -1.61 6.80
C TYR A 28 10.41 -1.01 8.09
N LEU A 29 10.64 0.30 8.10
CA LEU A 29 11.14 0.98 9.29
C LEU A 29 10.13 0.83 10.45
N GLU A 30 8.85 0.98 10.12
CA GLU A 30 7.80 0.86 11.12
C GLU A 30 7.77 -0.54 11.70
N ALA A 31 7.87 -1.55 10.84
CA ALA A 31 7.85 -2.93 11.30
C ALA A 31 9.01 -3.17 12.27
N ALA A 32 10.19 -2.65 11.93
CA ALA A 32 11.39 -2.80 12.76
C ALA A 32 11.21 -2.05 14.07
N ARG A 33 10.67 -0.83 13.98
CA ARG A 33 10.43 -0.03 15.18
C ARG A 33 9.48 -0.79 16.12
N VAL A 34 8.39 -1.32 15.55
CA VAL A 34 7.40 -2.07 16.30
C VAL A 34 8.00 -3.31 16.97
N ASP A 35 8.87 -4.00 16.24
CA ASP A 35 9.53 -5.20 16.74
C ASP A 35 10.45 -4.79 17.90
N PHE A 36 11.16 -3.69 17.72
CA PHE A 36 12.08 -3.15 18.74
C PHE A 36 11.31 -2.91 20.05
N LEU A 37 10.21 -2.16 19.93
CA LEU A 37 9.37 -1.84 21.07
C LEU A 37 8.82 -3.11 21.74
N GLU A 38 8.40 -4.08 20.94
CA GLU A 38 7.88 -5.31 21.52
C GLU A 38 8.98 -6.02 22.29
N ARG A 39 10.10 -6.27 21.64
CA ARG A 39 11.23 -6.96 22.26
C ARG A 39 11.65 -6.30 23.58
N ALA A 40 11.41 -5.00 23.69
CA ALA A 40 11.75 -4.26 24.89
C ALA A 40 10.66 -4.40 25.96
N GLY A 41 9.66 -5.22 25.67
CA GLY A 41 8.57 -5.41 26.61
C GLY A 41 7.55 -4.29 26.52
N LEU A 42 7.52 -3.59 25.38
CA LEU A 42 6.57 -2.51 25.18
C LEU A 42 5.82 -2.70 23.87
N PRO A 43 5.16 -3.86 23.70
CA PRO A 43 4.40 -4.13 22.46
C PRO A 43 3.54 -2.92 22.15
N TYR A 44 3.73 -2.34 20.97
CA TYR A 44 3.02 -1.12 20.57
C TYR A 44 1.49 -1.18 20.55
N HIS A 45 0.92 -2.34 20.30
CA HIS A 45 -0.52 -2.44 20.29
C HIS A 45 -1.05 -2.21 21.70
N ARG A 46 -0.31 -2.67 22.70
CA ARG A 46 -0.74 -2.47 24.08
C ARG A 46 -0.55 -1.02 24.50
N VAL A 47 0.45 -0.36 23.94
CA VAL A 47 0.69 1.05 24.26
C VAL A 47 -0.49 1.91 23.79
N GLU A 48 -0.91 1.73 22.53
CA GLU A 48 -2.04 2.51 22.02
C GLU A 48 -3.35 2.14 22.74
N ALA A 49 -3.39 0.93 23.29
CA ALA A 49 -4.56 0.46 24.01
C ALA A 49 -4.71 1.23 25.34
N ARG A 50 -3.64 1.91 25.72
CA ARG A 50 -3.63 2.71 26.96
C ARG A 50 -3.83 4.17 26.58
N GLY A 51 -4.09 4.40 25.29
CA GLY A 51 -4.26 5.76 24.82
C GLY A 51 -2.94 6.49 24.72
N VAL A 52 -1.88 5.75 24.37
CA VAL A 52 -0.55 6.34 24.22
C VAL A 52 -0.07 6.10 22.79
N PHE A 53 0.42 7.15 22.14
CA PHE A 53 0.87 7.02 20.75
C PHE A 53 2.24 7.64 20.50
N PHE A 54 2.93 7.12 19.49
CA PHE A 54 4.24 7.62 19.09
C PHE A 54 4.13 8.03 17.63
N PRO A 55 3.32 9.05 17.33
CA PRO A 55 3.20 9.47 15.93
C PRO A 55 4.51 10.00 15.36
N VAL A 56 4.68 9.81 14.05
CA VAL A 56 5.86 10.23 13.32
C VAL A 56 5.76 11.72 13.00
N VAL A 57 6.77 12.49 13.40
CA VAL A 57 6.77 13.92 13.09
C VAL A 57 7.77 14.22 12.00
N GLU A 58 8.73 13.31 11.80
CA GLU A 58 9.70 13.48 10.73
C GLU A 58 10.30 12.16 10.27
N LEU A 59 10.48 12.04 8.97
CA LEU A 59 11.04 10.83 8.38
C LEU A 59 12.20 11.22 7.47
N GLY A 60 13.20 10.36 7.40
CA GLY A 60 14.35 10.63 6.55
C GLY A 60 14.91 9.32 6.06
N LEU A 61 15.11 9.21 4.75
CA LEU A 61 15.64 7.98 4.19
C LEU A 61 16.63 8.24 3.06
N THR A 62 17.74 7.52 3.10
CA THR A 62 18.76 7.63 2.07
C THR A 62 18.89 6.23 1.48
N PHE A 63 18.60 6.13 0.19
CA PHE A 63 18.64 4.86 -0.53
C PHE A 63 19.99 4.70 -1.22
N ARG A 64 20.74 3.69 -0.80
CA ARG A 64 22.07 3.41 -1.33
C ARG A 64 22.08 2.30 -2.38
N ALA A 65 21.34 1.22 -2.11
CA ALA A 65 21.26 0.08 -3.02
C ALA A 65 19.85 -0.48 -2.87
N PRO A 66 19.30 -1.04 -3.96
CA PRO A 66 17.95 -1.58 -3.89
C PRO A 66 17.76 -2.96 -3.29
N ALA A 67 16.54 -3.20 -2.86
CA ALA A 67 16.14 -4.49 -2.32
C ALA A 67 15.27 -5.06 -3.44
N ARG A 68 15.20 -6.38 -3.56
CA ARG A 68 14.40 -6.98 -4.62
C ARG A 68 13.54 -8.15 -4.15
N PHE A 69 12.50 -8.44 -4.92
CA PHE A 69 11.64 -9.57 -4.60
C PHE A 69 12.51 -10.81 -4.72
N GLY A 70 12.43 -11.69 -3.74
CA GLY A 70 13.25 -12.87 -3.74
C GLY A 70 14.27 -12.77 -2.63
N GLU A 71 14.48 -11.55 -2.12
CA GLU A 71 15.45 -11.32 -1.05
C GLU A 71 14.81 -11.09 0.31
N VAL A 72 15.63 -11.15 1.34
CA VAL A 72 15.21 -10.91 2.71
C VAL A 72 16.10 -9.78 3.20
N VAL A 73 15.54 -8.79 3.87
CA VAL A 73 16.34 -7.67 4.36
C VAL A 73 16.36 -7.62 5.86
N GLU A 74 17.43 -7.07 6.39
CA GLU A 74 17.60 -6.93 7.83
C GLU A 74 17.57 -5.45 8.18
N VAL A 75 16.73 -5.11 9.15
CA VAL A 75 16.61 -3.73 9.58
C VAL A 75 17.10 -3.62 11.02
N ARG A 76 18.17 -2.86 11.19
CA ARG A 76 18.76 -2.65 12.49
C ARG A 76 18.24 -1.34 13.05
N THR A 77 17.67 -1.39 14.24
CA THR A 77 17.14 -0.16 14.82
C THR A 77 17.58 0.08 16.25
N ARG A 78 17.80 1.34 16.57
CA ARG A 78 18.18 1.69 17.92
C ARG A 78 17.53 3.02 18.25
N LEU A 79 17.38 3.27 19.54
CA LEU A 79 16.80 4.52 20.01
C LEU A 79 17.98 5.47 20.11
N ALA A 80 18.12 6.36 19.14
CA ALA A 80 19.22 7.32 19.12
C ALA A 80 19.01 8.52 20.05
N GLU A 81 17.76 8.94 20.22
CA GLU A 81 17.48 10.07 21.09
C GLU A 81 16.20 9.82 21.89
N LEU A 82 16.24 10.21 23.17
CA LEU A 82 15.09 10.03 24.04
C LEU A 82 14.94 11.17 25.03
N SER A 83 13.84 11.91 24.94
CA SER A 83 13.59 13.01 25.85
C SER A 83 12.26 12.71 26.54
N SER A 84 11.79 13.63 27.36
CA SER A 84 10.52 13.42 28.06
C SER A 84 9.31 13.47 27.13
N ARG A 85 9.43 14.18 26.00
CA ARG A 85 8.32 14.29 25.07
C ARG A 85 8.60 13.79 23.66
N ALA A 86 9.80 13.30 23.40
CA ALA A 86 10.15 12.84 22.05
C ALA A 86 11.13 11.67 21.99
N LEU A 87 11.15 11.01 20.83
CA LEU A 87 12.04 9.88 20.59
C LEU A 87 12.55 9.95 19.16
N LEU A 88 13.75 9.40 18.93
CA LEU A 88 14.33 9.40 17.59
C LEU A 88 14.98 8.04 17.34
N PHE A 89 14.44 7.30 16.38
CA PHE A 89 14.99 6.00 16.01
C PHE A 89 15.84 6.16 14.78
N ARG A 90 16.91 5.38 14.71
CA ARG A 90 17.79 5.39 13.56
C ARG A 90 17.84 3.97 13.04
N TYR A 91 17.85 3.82 11.72
CA TYR A 91 17.85 2.49 11.14
C TYR A 91 18.84 2.26 10.02
N ARG A 92 19.20 1.00 9.85
CA ARG A 92 20.07 0.58 8.77
C ARG A 92 19.40 -0.62 8.13
N VAL A 93 19.14 -0.53 6.84
CA VAL A 93 18.50 -1.61 6.12
C VAL A 93 19.56 -2.26 5.26
N GLU A 94 19.88 -3.51 5.54
CA GLU A 94 20.89 -4.18 4.75
C GLU A 94 20.52 -5.60 4.35
N ARG A 95 21.38 -6.19 3.53
CA ARG A 95 21.19 -7.55 3.05
C ARG A 95 22.57 -8.19 2.97
N GLU A 96 22.83 -9.13 3.88
CA GLU A 96 24.11 -9.83 3.91
C GLU A 96 25.29 -8.86 3.86
N GLY A 97 25.35 -7.97 4.85
CA GLY A 97 26.43 -7.00 4.93
C GLY A 97 26.33 -5.78 4.04
N VAL A 98 25.55 -5.83 2.97
CA VAL A 98 25.43 -4.68 2.07
C VAL A 98 24.35 -3.70 2.55
N LEU A 99 24.73 -2.44 2.75
CA LEU A 99 23.77 -1.44 3.19
C LEU A 99 22.86 -1.10 2.00
N LEU A 100 21.56 -1.13 2.22
CA LEU A 100 20.62 -0.81 1.16
C LEU A 100 20.11 0.61 1.28
N ALA A 101 19.87 1.01 2.53
CA ALA A 101 19.38 2.35 2.80
C ALA A 101 19.52 2.57 4.30
N GLU A 102 19.45 3.83 4.71
CA GLU A 102 19.54 4.16 6.12
C GLU A 102 18.63 5.35 6.37
N GLY A 103 18.06 5.40 7.57
CA GLY A 103 17.15 6.50 7.87
C GLY A 103 16.84 6.67 9.33
N PHE A 104 15.82 7.49 9.59
CA PHE A 104 15.42 7.76 10.96
C PHE A 104 13.97 8.22 10.99
N THR A 105 13.38 8.15 12.18
CA THR A 105 12.02 8.61 12.38
C THR A 105 12.00 9.32 13.72
N ARG A 106 11.53 10.56 13.67
CA ARG A 106 11.42 11.38 14.86
C ARG A 106 9.98 11.25 15.31
N HIS A 107 9.76 11.05 16.61
CA HIS A 107 8.41 10.91 17.13
C HIS A 107 8.14 11.83 18.31
N LEU A 108 6.87 12.14 18.49
CA LEU A 108 6.43 12.92 19.64
C LEU A 108 5.58 11.89 20.35
N CYS A 109 5.15 12.17 21.57
CA CYS A 109 4.31 11.23 22.29
C CYS A 109 2.94 11.83 22.47
N GLN A 110 1.91 11.09 22.08
CA GLN A 110 0.55 11.58 22.20
C GLN A 110 -0.23 10.71 23.18
N VAL A 111 -0.85 11.36 24.15
CA VAL A 111 -1.66 10.66 25.14
C VAL A 111 -3.02 11.34 25.21
N GLY A 112 -4.05 10.63 24.77
CA GLY A 112 -5.40 11.20 24.78
C GLY A 112 -5.52 12.45 23.92
N GLU A 113 -5.24 12.29 22.63
CA GLU A 113 -5.33 13.38 21.67
C GLU A 113 -4.61 14.68 22.04
N ARG A 114 -3.38 14.57 22.53
CA ARG A 114 -2.61 15.75 22.88
C ARG A 114 -1.15 15.41 23.10
N ALA A 115 -0.25 16.27 22.60
CA ALA A 115 1.17 16.04 22.78
C ALA A 115 1.45 16.13 24.28
N ALA A 116 2.20 15.17 24.80
CA ALA A 116 2.53 15.18 26.22
C ALA A 116 3.80 14.38 26.50
N ARG A 117 4.21 14.39 27.76
CA ARG A 117 5.41 13.66 28.15
C ARG A 117 5.12 12.17 28.07
N ILE A 118 6.17 11.39 27.83
CA ILE A 118 6.03 9.93 27.76
C ILE A 118 5.73 9.42 29.17
N PRO A 119 4.64 8.66 29.35
CA PRO A 119 4.33 8.14 30.69
C PRO A 119 5.54 7.47 31.35
N GLU A 120 5.65 7.66 32.67
CA GLU A 120 6.76 7.13 33.45
C GLU A 120 7.21 5.70 33.19
N ASP A 121 6.31 4.74 33.27
CA ASP A 121 6.69 3.35 33.06
C ASP A 121 7.28 3.09 31.67
N ILE A 122 6.80 3.80 30.66
CA ILE A 122 7.32 3.63 29.30
C ILE A 122 8.66 4.36 29.17
N TYR A 123 8.75 5.53 29.80
CA TYR A 123 9.97 6.32 29.77
C TYR A 123 11.09 5.52 30.42
N ARG A 124 10.80 4.97 31.59
CA ARG A 124 11.76 4.18 32.35
C ARG A 124 12.33 3.02 31.53
N ALA A 125 11.44 2.26 30.88
CA ALA A 125 11.87 1.12 30.07
C ALA A 125 12.72 1.54 28.85
N LEU A 126 12.29 2.61 28.18
CA LEU A 126 13.00 3.09 27.01
C LEU A 126 14.37 3.64 27.41
N SER A 127 14.45 4.25 28.59
CA SER A 127 15.71 4.82 29.06
C SER A 127 16.81 3.79 29.07
N VAL A 128 16.49 2.56 29.44
CA VAL A 128 17.48 1.50 29.49
C VAL A 128 18.11 1.27 28.12
N LEU A 129 17.34 1.55 27.07
CA LEU A 129 17.80 1.35 25.70
C LEU A 129 18.50 2.57 25.08
N HIS A 130 18.36 3.72 25.73
CA HIS A 130 18.98 4.96 25.26
C HIS A 130 20.29 5.25 25.99
N LEU A 131 21.34 5.52 25.20
CA LEU A 131 22.64 5.83 25.76
C LEU A 131 22.68 7.31 26.12
N LYS A 132 22.78 7.60 27.41
CA LYS A 132 22.82 8.99 27.88
C LYS A 132 24.21 9.61 27.74
N MET B 1 -28.74 3.02 -12.58
CA MET B 1 -28.07 4.27 -12.15
C MET B 1 -26.60 3.99 -11.91
N GLU B 2 -25.78 4.43 -12.85
CA GLU B 2 -24.35 4.19 -12.78
C GLU B 2 -23.55 5.49 -12.72
N SER B 3 -22.47 5.46 -11.96
CA SER B 3 -21.59 6.62 -11.84
C SER B 3 -20.22 6.19 -12.31
N VAL B 4 -19.43 7.15 -12.80
CA VAL B 4 -18.09 6.86 -13.29
C VAL B 4 -17.04 7.64 -12.50
N THR B 5 -16.00 6.96 -12.06
CA THR B 5 -14.93 7.61 -11.32
C THR B 5 -13.63 7.42 -12.10
N ARG B 6 -12.98 8.52 -12.47
CA ARG B 6 -11.73 8.41 -13.20
C ARG B 6 -10.53 8.48 -12.27
N ILE B 7 -9.59 7.57 -12.46
CA ILE B 7 -8.41 7.48 -11.62
C ILE B 7 -7.12 7.41 -12.42
N LYS B 8 -6.22 8.35 -12.17
CA LYS B 8 -4.95 8.31 -12.86
C LYS B 8 -4.09 7.30 -12.10
N VAL B 9 -3.57 6.31 -12.82
CA VAL B 9 -2.73 5.28 -12.23
C VAL B 9 -1.46 5.90 -11.67
N ARG B 10 -1.13 5.55 -10.43
CA ARG B 10 0.06 6.06 -9.77
C ARG B 10 1.24 5.13 -9.97
N TYR B 11 2.44 5.70 -10.04
CA TYR B 11 3.66 4.92 -10.22
C TYR B 11 3.76 3.82 -9.16
N ALA B 12 3.48 4.19 -7.91
CA ALA B 12 3.55 3.25 -6.80
C ALA B 12 2.60 2.06 -6.95
N GLU B 13 1.58 2.20 -7.79
CA GLU B 13 0.63 1.13 -7.95
C GLU B 13 1.01 0.02 -8.93
N THR B 14 2.10 0.20 -9.68
CA THR B 14 2.52 -0.84 -10.62
C THR B 14 3.53 -1.81 -10.00
N ASP B 15 3.55 -3.04 -10.52
CA ASP B 15 4.47 -4.08 -10.05
C ASP B 15 5.58 -4.37 -11.04
N GLN B 16 6.35 -5.43 -10.77
CA GLN B 16 7.45 -5.85 -11.62
C GLN B 16 7.04 -6.21 -13.03
N MET B 17 5.81 -6.70 -13.20
CA MET B 17 5.33 -7.08 -14.52
C MET B 17 5.05 -5.83 -15.33
N GLY B 18 5.20 -4.66 -14.71
CA GLY B 18 4.96 -3.41 -15.40
C GLY B 18 3.49 -3.02 -15.45
N VAL B 19 2.66 -3.72 -14.69
CA VAL B 19 1.24 -3.41 -14.65
C VAL B 19 0.78 -3.08 -13.23
N VAL B 20 -0.44 -2.57 -13.13
CA VAL B 20 -1.01 -2.22 -11.82
C VAL B 20 -1.17 -3.53 -11.05
N HIS B 21 -0.60 -3.60 -9.86
CA HIS B 21 -0.72 -4.83 -9.08
C HIS B 21 -2.19 -5.14 -8.82
N HIS B 22 -2.54 -6.42 -8.94
CA HIS B 22 -3.94 -6.82 -8.74
C HIS B 22 -4.57 -6.42 -7.40
N SER B 23 -3.74 -6.29 -6.35
CA SER B 23 -4.27 -5.91 -5.04
C SER B 23 -4.74 -4.46 -5.01
N VAL B 24 -4.21 -3.65 -5.93
CA VAL B 24 -4.57 -2.24 -5.99
C VAL B 24 -6.01 -2.01 -6.49
N TYR B 25 -6.50 -2.92 -7.31
CA TYR B 25 -7.84 -2.78 -7.86
C TYR B 25 -8.92 -2.61 -6.79
N ALA B 26 -8.76 -3.30 -5.67
CA ALA B 26 -9.73 -3.18 -4.59
C ALA B 26 -9.76 -1.74 -4.12
N VAL B 27 -8.61 -1.08 -4.07
CA VAL B 27 -8.54 0.32 -3.65
C VAL B 27 -9.24 1.21 -4.70
N TYR B 28 -9.15 0.83 -5.97
CA TYR B 28 -9.82 1.57 -7.04
C TYR B 28 -11.33 1.48 -6.81
N LEU B 29 -11.82 0.26 -6.56
CA LEU B 29 -13.23 0.03 -6.32
C LEU B 29 -13.72 0.83 -5.13
N GLU B 30 -12.85 0.97 -4.13
CA GLU B 30 -13.19 1.71 -2.93
C GLU B 30 -13.38 3.20 -3.22
N ALA B 31 -12.41 3.78 -3.92
CA ALA B 31 -12.50 5.20 -4.24
C ALA B 31 -13.75 5.47 -5.08
N ALA B 32 -14.09 4.54 -5.97
CA ALA B 32 -15.25 4.65 -6.86
C ALA B 32 -16.54 4.55 -6.05
N ARG B 33 -16.56 3.61 -5.13
CA ARG B 33 -17.69 3.39 -4.24
C ARG B 33 -17.89 4.63 -3.35
N VAL B 34 -16.80 5.17 -2.84
CA VAL B 34 -16.87 6.34 -1.97
C VAL B 34 -17.36 7.55 -2.79
N ASP B 35 -16.91 7.61 -4.03
CA ASP B 35 -17.29 8.67 -4.95
C ASP B 35 -18.80 8.56 -5.20
N PHE B 36 -19.26 7.32 -5.40
CA PHE B 36 -20.66 7.02 -5.67
C PHE B 36 -21.53 7.46 -4.48
N LEU B 37 -21.11 7.11 -3.27
CA LEU B 37 -21.85 7.49 -2.07
C LEU B 37 -21.84 9.00 -1.87
N GLU B 38 -20.71 9.62 -2.15
CA GLU B 38 -20.59 11.06 -1.98
C GLU B 38 -21.53 11.78 -2.97
N ARG B 39 -21.57 11.32 -4.22
CA ARG B 39 -22.42 11.95 -5.22
C ARG B 39 -23.89 11.81 -4.82
N ALA B 40 -24.20 10.68 -4.17
CA ALA B 40 -25.56 10.41 -3.73
C ALA B 40 -25.94 11.24 -2.52
N GLY B 41 -25.01 12.06 -2.03
CA GLY B 41 -25.28 12.89 -0.87
C GLY B 41 -25.06 12.11 0.43
N LEU B 42 -24.29 11.03 0.34
CA LEU B 42 -23.98 10.20 1.49
C LEU B 42 -22.47 10.08 1.69
N PRO B 43 -21.77 11.23 1.87
CA PRO B 43 -20.31 11.16 2.07
C PRO B 43 -19.99 10.16 3.18
N TYR B 44 -19.30 9.09 2.81
CA TYR B 44 -18.97 8.03 3.76
C TYR B 44 -18.24 8.49 5.03
N HIS B 45 -17.36 9.49 4.92
CA HIS B 45 -16.65 9.96 6.09
C HIS B 45 -17.71 10.47 7.07
N ARG B 46 -18.81 11.00 6.54
CA ARG B 46 -19.89 11.49 7.38
C ARG B 46 -20.70 10.31 7.92
N VAL B 47 -20.87 9.28 7.12
CA VAL B 47 -21.62 8.10 7.56
C VAL B 47 -20.92 7.46 8.77
N GLU B 48 -19.60 7.34 8.70
CA GLU B 48 -18.86 6.77 9.81
C GLU B 48 -18.88 7.73 10.99
N ALA B 49 -18.86 9.02 10.69
CA ALA B 49 -18.88 10.04 11.74
C ALA B 49 -20.04 9.78 12.70
N ARG B 50 -21.20 9.42 12.16
CA ARG B 50 -22.37 9.14 13.01
C ARG B 50 -22.36 7.71 13.56
N GLY B 51 -21.24 7.01 13.39
CA GLY B 51 -21.14 5.66 13.90
C GLY B 51 -21.72 4.56 13.03
N VAL B 52 -21.90 4.84 11.74
CA VAL B 52 -22.45 3.86 10.80
C VAL B 52 -21.34 3.39 9.85
N PHE B 53 -21.22 2.08 9.67
CA PHE B 53 -20.16 1.52 8.82
C PHE B 53 -20.65 0.46 7.84
N PHE B 54 -20.01 0.41 6.67
CA PHE B 54 -20.36 -0.57 5.65
C PHE B 54 -19.15 -1.47 5.41
N PRO B 55 -18.80 -2.31 6.39
CA PRO B 55 -17.64 -3.18 6.18
C PRO B 55 -17.81 -4.14 5.01
N VAL B 56 -16.70 -4.39 4.32
CA VAL B 56 -16.70 -5.30 3.19
C VAL B 56 -16.70 -6.74 3.72
N VAL B 57 -17.64 -7.56 3.25
CA VAL B 57 -17.71 -8.94 3.71
C VAL B 57 -17.38 -9.92 2.58
N GLU B 58 -17.32 -9.40 1.35
CA GLU B 58 -16.96 -10.22 0.22
C GLU B 58 -16.45 -9.39 -0.93
N LEU B 59 -15.34 -9.84 -1.52
CA LEU B 59 -14.70 -9.15 -2.64
C LEU B 59 -14.55 -10.11 -3.81
N GLY B 60 -14.69 -9.58 -5.02
CA GLY B 60 -14.54 -10.39 -6.21
C GLY B 60 -14.03 -9.56 -7.38
N LEU B 61 -13.03 -10.06 -8.08
CA LEU B 61 -12.46 -9.35 -9.21
C LEU B 61 -11.97 -10.32 -10.28
N THR B 62 -12.27 -9.99 -11.53
CA THR B 62 -11.82 -10.77 -12.69
C THR B 62 -11.01 -9.80 -13.53
N PHE B 63 -9.75 -10.12 -13.75
CA PHE B 63 -8.86 -9.25 -14.52
C PHE B 63 -8.73 -9.74 -15.96
N ARG B 64 -9.21 -8.92 -16.89
CA ARG B 64 -9.19 -9.23 -18.32
C ARG B 64 -7.99 -8.59 -19.01
N ALA B 65 -7.78 -7.30 -18.76
CA ALA B 65 -6.66 -6.57 -19.36
C ALA B 65 -6.03 -5.66 -18.30
N PRO B 66 -4.70 -5.51 -18.35
CA PRO B 66 -3.97 -4.68 -17.39
C PRO B 66 -4.07 -3.18 -17.59
N ALA B 67 -3.83 -2.46 -16.52
CA ALA B 67 -3.80 -1.01 -16.54
C ALA B 67 -2.32 -0.72 -16.36
N ARG B 68 -1.85 0.40 -16.90
CA ARG B 68 -0.44 0.74 -16.81
C ARG B 68 -0.22 2.18 -16.36
N PHE B 69 0.95 2.45 -15.80
CA PHE B 69 1.26 3.79 -15.35
C PHE B 69 1.32 4.70 -16.57
N GLY B 70 0.69 5.87 -16.46
CA GLY B 70 0.66 6.80 -17.57
C GLY B 70 -0.75 6.84 -18.14
N GLU B 71 -1.58 5.92 -17.65
CA GLU B 71 -2.97 5.83 -18.11
C GLU B 71 -3.95 6.32 -17.06
N VAL B 72 -5.17 6.56 -17.50
CA VAL B 72 -6.25 6.98 -16.61
C VAL B 72 -7.30 5.89 -16.79
N VAL B 73 -7.79 5.34 -15.68
CA VAL B 73 -8.81 4.30 -15.78
C VAL B 73 -10.15 4.87 -15.38
N GLU B 74 -11.21 4.19 -15.79
CA GLU B 74 -12.55 4.64 -15.47
C GLU B 74 -13.24 3.50 -14.74
N VAL B 75 -13.84 3.83 -13.60
CA VAL B 75 -14.53 2.82 -12.82
C VAL B 75 -16.01 3.17 -12.77
N ARG B 76 -16.83 2.32 -13.40
CA ARG B 76 -18.27 2.52 -13.41
C ARG B 76 -18.87 1.68 -12.29
N THR B 77 -19.59 2.32 -11.38
CA THR B 77 -20.18 1.59 -10.28
C THR B 77 -21.69 1.75 -10.19
N ARG B 78 -22.34 0.70 -9.72
CA ARG B 78 -23.78 0.69 -9.56
C ARG B 78 -24.13 -0.22 -8.38
N LEU B 79 -25.20 0.11 -7.69
CA LEU B 79 -25.66 -0.66 -6.54
C LEU B 79 -26.57 -1.77 -7.07
N ALA B 80 -26.03 -2.98 -7.22
CA ALA B 80 -26.78 -4.11 -7.75
C ALA B 80 -27.79 -4.75 -6.79
N GLU B 81 -27.49 -4.72 -5.49
CA GLU B 81 -28.40 -5.29 -4.51
C GLU B 81 -28.51 -4.40 -3.28
N LEU B 82 -29.70 -4.34 -2.71
CA LEU B 82 -29.96 -3.54 -1.53
C LEU B 82 -31.01 -4.19 -0.64
N SER B 83 -30.73 -4.24 0.65
CA SER B 83 -31.65 -4.81 1.63
C SER B 83 -31.50 -3.95 2.87
N SER B 84 -32.32 -4.20 3.88
CA SER B 84 -32.26 -3.42 5.11
C SER B 84 -31.00 -3.74 5.92
N ARG B 85 -30.27 -4.77 5.50
CA ARG B 85 -29.06 -5.17 6.21
C ARG B 85 -27.79 -5.29 5.38
N ALA B 86 -27.93 -5.46 4.06
CA ALA B 86 -26.74 -5.63 3.20
C ALA B 86 -26.76 -4.86 1.89
N LEU B 87 -25.59 -4.73 1.27
CA LEU B 87 -25.44 -4.04 0.00
C LEU B 87 -24.42 -4.72 -0.91
N LEU B 88 -24.70 -4.67 -2.21
CA LEU B 88 -23.81 -5.27 -3.20
C LEU B 88 -23.56 -4.28 -4.33
N PHE B 89 -22.28 -3.93 -4.51
CA PHE B 89 -21.84 -3.03 -5.55
C PHE B 89 -21.16 -3.84 -6.63
N ARG B 90 -21.37 -3.47 -7.89
CA ARG B 90 -20.72 -4.15 -8.99
C ARG B 90 -19.97 -3.07 -9.75
N TYR B 91 -18.83 -3.44 -10.34
CA TYR B 91 -18.04 -2.46 -11.05
C TYR B 91 -17.45 -2.93 -12.35
N ARG B 92 -17.09 -1.96 -13.17
CA ARG B 92 -16.44 -2.24 -14.45
C ARG B 92 -15.30 -1.25 -14.49
N VAL B 93 -14.09 -1.77 -14.62
CA VAL B 93 -12.92 -0.91 -14.71
C VAL B 93 -12.56 -0.92 -16.18
N GLU B 94 -12.57 0.26 -16.81
CA GLU B 94 -12.28 0.36 -18.24
C GLU B 94 -11.34 1.51 -18.57
N ARG B 95 -10.78 1.46 -19.77
CA ARG B 95 -9.89 2.50 -20.28
C ARG B 95 -10.25 2.76 -21.74
N GLU B 96 -10.89 3.89 -22.01
CA GLU B 96 -11.27 4.24 -23.37
C GLU B 96 -11.97 3.09 -24.07
N GLY B 97 -13.09 2.64 -23.53
CA GLY B 97 -13.82 1.56 -24.16
C GLY B 97 -13.35 0.14 -23.95
N VAL B 98 -12.16 -0.06 -23.37
CA VAL B 98 -11.66 -1.40 -23.15
C VAL B 98 -11.89 -1.85 -21.70
N LEU B 99 -12.41 -3.07 -21.54
CA LEU B 99 -12.70 -3.60 -20.21
C LEU B 99 -11.43 -4.18 -19.60
N LEU B 100 -10.94 -3.54 -18.55
CA LEU B 100 -9.72 -4.02 -17.89
C LEU B 100 -10.08 -5.03 -16.82
N ALA B 101 -11.14 -4.74 -16.06
CA ALA B 101 -11.56 -5.65 -15.01
C ALA B 101 -12.98 -5.41 -14.55
N GLU B 102 -13.56 -6.44 -13.95
CA GLU B 102 -14.90 -6.35 -13.43
C GLU B 102 -14.92 -7.07 -12.09
N GLY B 103 -15.81 -6.65 -11.21
CA GLY B 103 -15.89 -7.26 -9.90
C GLY B 103 -17.04 -6.72 -9.10
N PHE B 104 -17.03 -7.04 -7.81
CA PHE B 104 -18.09 -6.59 -6.92
C PHE B 104 -17.59 -6.55 -5.48
N THR B 105 -18.40 -5.97 -4.62
CA THR B 105 -18.09 -5.88 -3.21
C THR B 105 -19.40 -5.95 -2.46
N ARG B 106 -19.50 -6.87 -1.52
CA ARG B 106 -20.71 -7.00 -0.72
C ARG B 106 -20.39 -6.45 0.66
N HIS B 107 -21.32 -5.69 1.22
CA HIS B 107 -21.13 -5.06 2.53
C HIS B 107 -22.27 -5.35 3.50
N LEU B 108 -21.97 -5.19 4.78
CA LEU B 108 -22.96 -5.35 5.83
C LEU B 108 -22.94 -4.00 6.54
N CYS B 109 -23.87 -3.78 7.46
CA CYS B 109 -23.91 -2.52 8.17
C CYS B 109 -23.70 -2.67 9.66
N GLN B 110 -22.84 -1.83 10.22
CA GLN B 110 -22.56 -1.84 11.64
C GLN B 110 -22.79 -0.47 12.24
N VAL B 111 -23.17 -0.46 13.51
CA VAL B 111 -23.41 0.79 14.24
C VAL B 111 -22.65 0.73 15.56
N GLU B 113 -18.31 -1.95 18.32
CA GLU B 113 -18.88 -2.22 16.97
C GLU B 113 -19.91 -3.33 17.01
N ARG B 114 -21.10 -3.08 16.46
CA ARG B 114 -22.14 -4.10 16.49
C ARG B 114 -23.00 -4.05 15.24
N ALA B 115 -23.31 -5.23 14.70
CA ALA B 115 -24.13 -5.34 13.51
C ALA B 115 -25.48 -4.63 13.67
N ALA B 116 -26.01 -4.11 12.57
CA ALA B 116 -27.29 -3.42 12.61
C ALA B 116 -27.87 -3.21 11.22
N ARG B 117 -29.13 -2.83 11.15
CA ARG B 117 -29.81 -2.59 9.89
C ARG B 117 -29.35 -1.23 9.40
N ILE B 118 -29.49 -0.98 8.11
CA ILE B 118 -29.11 0.31 7.54
C ILE B 118 -30.09 1.36 8.06
N PRO B 119 -29.59 2.43 8.68
CA PRO B 119 -30.49 3.47 9.20
C PRO B 119 -31.42 4.04 8.12
N GLU B 120 -32.67 4.28 8.52
CA GLU B 120 -33.73 4.78 7.65
C GLU B 120 -33.34 5.82 6.59
N ASP B 121 -32.91 6.99 7.04
CA ASP B 121 -32.54 8.06 6.10
C ASP B 121 -31.56 7.58 5.04
N ILE B 122 -30.56 6.80 5.46
CA ILE B 122 -29.56 6.28 4.54
C ILE B 122 -30.15 5.26 3.58
N TYR B 123 -31.02 4.41 4.10
CA TYR B 123 -31.65 3.39 3.29
C TYR B 123 -32.55 3.99 2.21
N ARG B 124 -33.27 5.05 2.57
CA ARG B 124 -34.18 5.73 1.65
C ARG B 124 -33.38 6.26 0.46
N ALA B 125 -32.23 6.87 0.74
CA ALA B 125 -31.39 7.42 -0.31
C ALA B 125 -30.85 6.31 -1.21
N LEU B 126 -30.25 5.30 -0.60
CA LEU B 126 -29.69 4.18 -1.35
C LEU B 126 -30.76 3.56 -2.23
N SER B 127 -31.96 3.45 -1.67
CA SER B 127 -33.10 2.85 -2.37
C SER B 127 -33.41 3.55 -3.68
N VAL B 128 -33.22 4.87 -3.72
CA VAL B 128 -33.51 5.62 -4.93
C VAL B 128 -32.49 5.28 -6.01
N LEU B 129 -31.36 4.70 -5.60
CA LEU B 129 -30.31 4.33 -6.54
C LEU B 129 -30.42 2.88 -6.97
N HIS B 130 -31.29 2.13 -6.30
CA HIS B 130 -31.48 0.72 -6.61
C HIS B 130 -32.93 0.44 -6.99
N LEU B 131 -33.11 -0.42 -7.97
CA LEU B 131 -34.45 -0.81 -8.43
C LEU B 131 -34.47 -2.33 -8.51
N LYS B 132 -35.55 -2.93 -8.03
CA LYS B 132 -35.69 -4.39 -8.05
C LYS B 132 -35.63 -4.90 -9.50
N GLU C 2 4.95 26.31 -7.70
CA GLU C 2 4.93 26.06 -9.17
C GLU C 2 3.78 25.13 -9.55
N SER C 3 3.86 23.89 -9.09
CA SER C 3 2.83 22.91 -9.40
C SER C 3 1.91 22.65 -8.21
N VAL C 4 0.63 22.44 -8.49
CA VAL C 4 -0.35 22.17 -7.45
C VAL C 4 -1.19 20.96 -7.82
N THR C 5 -1.08 19.90 -7.03
CA THR C 5 -1.82 18.67 -7.27
C THR C 5 -2.83 18.42 -6.15
N ARG C 6 -4.10 18.32 -6.51
CA ARG C 6 -5.18 18.09 -5.57
C ARG C 6 -5.38 16.59 -5.44
N ILE C 7 -5.35 16.08 -4.21
CA ILE C 7 -5.52 14.64 -3.98
C ILE C 7 -6.57 14.35 -2.92
N LYS C 8 -7.51 13.47 -3.26
CA LYS C 8 -8.56 13.10 -2.32
C LYS C 8 -8.08 11.91 -1.49
N VAL C 9 -7.99 12.10 -0.17
CA VAL C 9 -7.55 11.04 0.74
C VAL C 9 -8.40 9.78 0.56
N ARG C 10 -7.74 8.63 0.43
CA ARG C 10 -8.46 7.37 0.27
C ARG C 10 -8.58 6.65 1.62
N TYR C 11 -9.72 6.00 1.82
CA TYR C 11 -9.97 5.28 3.06
C TYR C 11 -8.82 4.31 3.35
N ALA C 12 -8.41 3.58 2.33
CA ALA C 12 -7.33 2.61 2.43
C ALA C 12 -6.04 3.26 2.94
N GLU C 13 -5.94 4.56 2.79
CA GLU C 13 -4.73 5.26 3.24
C GLU C 13 -4.74 5.66 4.71
N THR C 14 -5.88 5.53 5.39
CA THR C 14 -5.96 5.91 6.81
C THR C 14 -5.43 4.82 7.73
N ASP C 15 -4.91 5.23 8.89
CA ASP C 15 -4.39 4.27 9.87
C ASP C 15 -5.25 4.29 11.13
N GLN C 16 -4.92 3.41 12.07
CA GLN C 16 -5.66 3.27 13.33
C GLN C 16 -5.90 4.57 14.07
N MET C 17 -4.94 5.48 14.01
CA MET C 17 -5.07 6.76 14.68
C MET C 17 -6.10 7.65 13.96
N GLY C 18 -6.66 7.14 12.86
CA GLY C 18 -7.67 7.89 12.14
C GLY C 18 -7.16 8.97 11.22
N VAL C 19 -5.86 8.92 10.90
CA VAL C 19 -5.25 9.90 10.02
C VAL C 19 -4.51 9.14 8.92
N VAL C 20 -4.10 9.86 7.89
CA VAL C 20 -3.36 9.25 6.79
C VAL C 20 -2.01 8.74 7.32
N HIS C 21 -1.70 7.48 7.06
CA HIS C 21 -0.44 6.90 7.52
C HIS C 21 0.76 7.67 6.95
N HIS C 22 1.74 7.95 7.80
CA HIS C 22 2.90 8.72 7.37
C HIS C 22 3.61 8.14 6.14
N SER C 23 3.47 6.85 5.89
CA SER C 23 4.13 6.25 4.74
C SER C 23 3.44 6.61 3.41
N VAL C 24 2.17 7.00 3.48
CA VAL C 24 1.41 7.36 2.28
C VAL C 24 1.89 8.66 1.64
N TYR C 25 2.36 9.58 2.48
CA TYR C 25 2.82 10.88 2.03
C TYR C 25 3.84 10.83 0.90
N ALA C 26 4.71 9.83 0.94
CA ALA C 26 5.72 9.67 -0.10
C ALA C 26 5.00 9.40 -1.42
N VAL C 27 3.90 8.67 -1.34
CA VAL C 27 3.10 8.34 -2.52
C VAL C 27 2.46 9.62 -3.03
N TYR C 28 2.04 10.50 -2.13
CA TYR C 28 1.43 11.77 -2.56
C TYR C 28 2.49 12.60 -3.26
N LEU C 29 3.68 12.68 -2.67
CA LEU C 29 4.76 13.46 -3.29
C LEU C 29 5.07 12.96 -4.70
N GLU C 30 4.94 11.66 -4.90
CA GLU C 30 5.23 11.04 -6.20
C GLU C 30 4.23 11.45 -7.29
N ALA C 31 2.95 11.55 -6.91
CA ALA C 31 1.91 11.95 -7.85
C ALA C 31 2.08 13.41 -8.19
N ALA C 32 2.39 14.21 -7.16
CA ALA C 32 2.59 15.65 -7.33
C ALA C 32 3.79 15.88 -8.25
N ARG C 33 4.82 15.07 -8.06
CA ARG C 33 6.04 15.15 -8.86
C ARG C 33 5.74 14.75 -10.32
N VAL C 34 4.99 13.68 -10.50
CA VAL C 34 4.65 13.22 -11.84
C VAL C 34 3.84 14.31 -12.53
N ASP C 35 3.03 15.00 -11.74
CA ASP C 35 2.20 16.08 -12.25
C ASP C 35 3.08 17.25 -12.68
N PHE C 36 4.01 17.62 -11.81
CA PHE C 36 4.92 18.72 -12.09
C PHE C 36 5.66 18.44 -13.41
N LEU C 37 6.08 17.20 -13.62
CA LEU C 37 6.78 16.85 -14.85
C LEU C 37 5.84 16.95 -16.05
N GLU C 38 4.59 16.55 -15.83
CA GLU C 38 3.56 16.61 -16.86
C GLU C 38 3.39 18.06 -17.31
N ARG C 39 3.32 18.96 -16.34
CA ARG C 39 3.13 20.39 -16.61
C ARG C 39 4.33 21.05 -17.29
N ALA C 40 5.48 20.40 -17.21
CA ALA C 40 6.69 20.93 -17.83
C ALA C 40 6.88 20.34 -19.22
N GLY C 41 5.89 19.59 -19.69
CA GLY C 41 5.98 18.98 -21.00
C GLY C 41 6.79 17.68 -20.95
N LEU C 42 6.84 17.08 -19.77
CA LEU C 42 7.59 15.84 -19.57
C LEU C 42 6.80 14.69 -18.94
N PRO C 43 5.70 14.25 -19.57
CA PRO C 43 4.94 13.14 -18.98
C PRO C 43 5.92 12.01 -18.64
N TYR C 44 6.02 11.67 -17.37
CA TYR C 44 6.97 10.67 -16.90
C TYR C 44 6.95 9.32 -17.59
N HIS C 45 5.77 8.80 -17.89
CA HIS C 45 5.70 7.52 -18.56
C HIS C 45 6.42 7.61 -19.91
N ARG C 46 6.29 8.76 -20.58
CA ARG C 46 6.96 8.97 -21.88
C ARG C 46 8.47 9.01 -21.66
N VAL C 47 8.88 9.64 -20.56
CA VAL C 47 10.31 9.74 -20.22
C VAL C 47 10.90 8.34 -20.06
N GLU C 48 10.26 7.51 -19.24
CA GLU C 48 10.75 6.16 -19.02
C GLU C 48 10.73 5.36 -20.31
N ALA C 49 9.74 5.62 -21.15
CA ALA C 49 9.64 4.91 -22.42
C ALA C 49 10.88 5.20 -23.28
N ARG C 50 11.48 6.36 -23.08
CA ARG C 50 12.67 6.75 -23.84
C ARG C 50 13.92 6.18 -23.18
N GLY C 51 13.72 5.41 -22.10
CA GLY C 51 14.84 4.80 -21.41
C GLY C 51 15.49 5.77 -20.44
N VAL C 52 14.70 6.67 -19.85
CA VAL C 52 15.19 7.66 -18.90
C VAL C 52 14.39 7.51 -17.60
N PHE C 53 15.09 7.50 -16.48
CA PHE C 53 14.48 7.32 -15.17
C PHE C 53 15.01 8.31 -14.14
N PHE C 54 14.17 8.59 -13.13
CA PHE C 54 14.53 9.50 -12.04
C PHE C 54 14.38 8.81 -10.69
N PRO C 55 15.16 7.74 -10.44
CA PRO C 55 15.11 7.02 -9.18
C PRO C 55 15.33 7.93 -7.98
N VAL C 56 14.70 7.63 -6.86
CA VAL C 56 14.83 8.41 -5.64
C VAL C 56 16.04 7.92 -4.85
N VAL C 57 16.93 8.84 -4.47
CA VAL C 57 18.12 8.49 -3.68
C VAL C 57 17.98 8.97 -2.24
N GLU C 58 17.09 9.92 -2.01
CA GLU C 58 16.85 10.43 -0.67
C GLU C 58 15.46 11.04 -0.55
N LEU C 59 14.86 10.86 0.62
CA LEU C 59 13.53 11.39 0.91
C LEU C 59 13.49 12.02 2.28
N GLY C 60 12.75 13.10 2.41
CA GLY C 60 12.61 13.77 3.69
C GLY C 60 11.20 14.30 3.84
N LEU C 61 10.63 14.11 5.03
CA LEU C 61 9.28 14.57 5.32
C LEU C 61 9.12 15.05 6.74
N THR C 62 8.40 16.16 6.91
CA THR C 62 8.14 16.70 8.24
C THR C 62 6.62 16.86 8.35
N PHE C 63 6.03 16.22 9.34
CA PHE C 63 4.59 16.28 9.55
C PHE C 63 4.21 17.28 10.63
N ARG C 64 3.40 18.27 10.25
CA ARG C 64 2.94 19.30 11.18
C ARG C 64 1.51 19.05 11.64
N ALA C 65 0.65 18.64 10.70
CA ALA C 65 -0.75 18.37 10.99
C ALA C 65 -1.21 17.22 10.11
N PRO C 66 -2.13 16.38 10.62
CA PRO C 66 -2.64 15.22 9.88
C PRO C 66 -3.66 15.47 8.78
N ALA C 67 -3.80 14.48 7.92
CA ALA C 67 -4.77 14.53 6.85
C ALA C 67 -5.72 13.43 7.25
N ARG C 68 -6.99 13.59 6.89
CA ARG C 68 -7.99 12.60 7.24
C ARG C 68 -8.89 12.26 6.07
N PHE C 69 -9.50 11.09 6.15
CA PHE C 69 -10.44 10.65 5.13
C PHE C 69 -11.60 11.63 5.16
N GLY C 70 -12.06 12.04 3.99
CA GLY C 70 -13.15 12.99 3.91
C GLY C 70 -12.57 14.29 3.40
N GLU C 71 -11.26 14.44 3.53
CA GLU C 71 -10.57 15.64 3.09
C GLU C 71 -9.87 15.47 1.74
N VAL C 72 -9.54 16.61 1.15
CA VAL C 72 -8.83 16.68 -0.10
C VAL C 72 -7.63 17.55 0.25
N VAL C 73 -6.43 17.10 -0.09
CA VAL C 73 -5.22 17.88 0.20
C VAL C 73 -4.60 18.34 -1.11
N GLU C 74 -3.76 19.35 -1.01
CA GLU C 74 -3.11 19.87 -2.18
C GLU C 74 -1.60 19.85 -1.98
N VAL C 75 -0.89 19.29 -2.94
CA VAL C 75 0.56 19.21 -2.84
C VAL C 75 1.17 20.22 -3.81
N ARG C 76 1.95 21.15 -3.27
CA ARG C 76 2.62 22.14 -4.10
C ARG C 76 4.06 21.66 -4.29
N THR C 77 4.50 21.53 -5.54
CA THR C 77 5.87 21.10 -5.79
C THR C 77 6.67 22.00 -6.72
N ARG C 78 7.95 22.15 -6.41
CA ARG C 78 8.83 22.97 -7.21
C ARG C 78 10.18 22.28 -7.28
N LEU C 79 10.94 22.61 -8.31
CA LEU C 79 12.27 22.05 -8.52
C LEU C 79 13.24 22.99 -7.81
N ALA C 80 13.65 22.61 -6.60
CA ALA C 80 14.56 23.41 -5.80
C ALA C 80 16.01 23.35 -6.27
N GLU C 81 16.42 22.20 -6.80
CA GLU C 81 17.79 22.03 -7.28
C GLU C 81 17.86 21.25 -8.58
N LEU C 82 18.71 21.71 -9.48
CA LEU C 82 18.90 21.06 -10.78
C LEU C 82 20.37 21.10 -11.19
N SER C 83 20.89 19.96 -11.60
CA SER C 83 22.26 19.84 -12.06
C SER C 83 22.22 18.93 -13.27
N SER C 84 23.37 18.70 -13.90
CA SER C 84 23.42 17.84 -15.07
C SER C 84 23.10 16.39 -14.72
N ARG C 85 23.20 16.04 -13.43
CA ARG C 85 22.97 14.67 -13.01
C ARG C 85 21.96 14.44 -11.89
N ALA C 86 21.46 15.50 -11.27
CA ALA C 86 20.53 15.32 -10.16
C ALA C 86 19.43 16.37 -10.07
N LEU C 87 18.36 16.01 -9.35
CA LEU C 87 17.20 16.88 -9.15
C LEU C 87 16.80 16.84 -7.69
N LEU C 88 16.23 17.95 -7.21
CA LEU C 88 15.75 18.01 -5.84
C LEU C 88 14.41 18.72 -5.84
N PHE C 89 13.36 17.98 -5.51
CA PHE C 89 12.02 18.54 -5.44
C PHE C 89 11.66 18.83 -3.99
N ARG C 90 10.99 19.96 -3.76
CA ARG C 90 10.54 20.30 -2.42
C ARG C 90 9.03 20.39 -2.50
N TYR C 91 8.35 19.93 -1.45
CA TYR C 91 6.90 19.95 -1.47
C TYR C 91 6.28 20.49 -0.20
N ARG C 92 5.04 20.94 -0.34
CA ARG C 92 4.26 21.43 0.78
C ARG C 92 2.90 20.76 0.61
N VAL C 93 2.47 20.04 1.63
CA VAL C 93 1.16 19.40 1.59
C VAL C 93 0.26 20.27 2.46
N GLU C 94 -0.80 20.80 1.87
CA GLU C 94 -1.71 21.68 2.61
C GLU C 94 -3.17 21.33 2.44
N ARG C 95 -3.99 21.95 3.29
CA ARG C 95 -5.45 21.79 3.26
C ARG C 95 -6.07 23.11 3.70
N GLU C 96 -6.88 23.69 2.83
CA GLU C 96 -7.55 24.96 3.12
C GLU C 96 -6.55 26.00 3.61
N GLY C 97 -5.35 25.97 3.06
CA GLY C 97 -4.33 26.93 3.46
C GLY C 97 -3.53 26.55 4.69
N VAL C 98 -3.85 25.41 5.30
CA VAL C 98 -3.12 24.97 6.48
C VAL C 98 -2.01 24.02 6.08
N LEU C 99 -0.81 24.22 6.60
CA LEU C 99 0.30 23.34 6.24
C LEU C 99 0.21 22.04 7.02
N LEU C 100 0.17 20.92 6.31
CA LEU C 100 0.08 19.60 6.95
C LEU C 100 1.44 18.94 7.06
N ALA C 101 2.22 19.05 6.00
CA ALA C 101 3.55 18.45 5.97
C ALA C 101 4.41 19.10 4.90
N GLU C 102 5.71 18.92 5.01
CA GLU C 102 6.63 19.45 4.02
C GLU C 102 7.73 18.43 3.87
N GLY C 103 8.31 18.36 2.69
CA GLY C 103 9.36 17.40 2.46
C GLY C 103 10.07 17.64 1.15
N PHE C 104 10.88 16.65 0.78
CA PHE C 104 11.67 16.74 -0.44
C PHE C 104 12.06 15.34 -0.89
N THR C 105 12.44 15.25 -2.16
CA THR C 105 12.93 14.00 -2.72
C THR C 105 14.14 14.40 -3.56
N ARG C 106 15.20 13.61 -3.46
CA ARG C 106 16.41 13.87 -4.23
C ARG C 106 16.50 12.76 -5.26
N HIS C 107 16.83 13.12 -6.50
CA HIS C 107 16.90 12.11 -7.54
C HIS C 107 18.18 12.15 -8.36
N LEU C 108 18.52 10.99 -8.92
CA LEU C 108 19.67 10.86 -9.81
C LEU C 108 19.01 10.50 -11.13
N CYS C 109 19.74 10.56 -12.23
CA CYS C 109 19.16 10.20 -13.51
C CYS C 109 19.76 8.92 -14.03
N GLN C 110 18.90 8.01 -14.48
CA GLN C 110 19.35 6.73 -15.01
C GLN C 110 18.92 6.57 -16.45
N VAL C 111 19.90 6.38 -17.33
CA VAL C 111 19.63 6.16 -18.75
C VAL C 111 20.04 4.71 -18.96
N GLY C 112 19.09 3.90 -19.40
CA GLY C 112 19.39 2.49 -19.57
C GLY C 112 19.50 1.85 -18.20
N GLU C 113 20.71 1.48 -17.79
CA GLU C 113 20.89 0.85 -16.48
C GLU C 113 21.99 1.48 -15.62
N ARG C 114 22.38 2.71 -15.93
CA ARG C 114 23.44 3.38 -15.17
C ARG C 114 23.16 4.86 -14.94
N ALA C 115 23.74 5.40 -13.87
CA ALA C 115 23.57 6.81 -13.55
C ALA C 115 24.16 7.58 -14.73
N ALA C 116 23.48 8.65 -15.15
CA ALA C 116 23.94 9.42 -16.28
C ALA C 116 23.46 10.87 -16.25
N ARG C 117 23.93 11.65 -17.22
CA ARG C 117 23.51 13.03 -17.33
C ARG C 117 22.07 13.05 -17.83
N ILE C 118 21.30 14.03 -17.36
CA ILE C 118 19.92 14.18 -17.78
C ILE C 118 19.99 14.57 -19.25
N PRO C 119 19.28 13.85 -20.13
CA PRO C 119 19.36 14.23 -21.54
C PRO C 119 19.03 15.71 -21.81
N GLU C 120 19.76 16.27 -22.77
CA GLU C 120 19.65 17.67 -23.19
C GLU C 120 18.24 18.27 -23.21
N ASP C 121 17.33 17.70 -23.98
CA ASP C 121 15.97 18.22 -24.09
C ASP C 121 15.23 18.22 -22.75
N ILE C 122 15.44 17.17 -21.95
CA ILE C 122 14.78 17.07 -20.65
C ILE C 122 15.33 18.08 -19.66
N TYR C 123 16.65 18.21 -19.60
CA TYR C 123 17.30 19.18 -18.72
C TYR C 123 16.85 20.58 -19.08
N ARG C 124 16.77 20.85 -20.39
CA ARG C 124 16.35 22.14 -20.91
C ARG C 124 14.96 22.52 -20.41
N ALA C 125 14.03 21.57 -20.51
CA ALA C 125 12.67 21.82 -20.07
C ALA C 125 12.63 22.06 -18.55
N LEU C 126 13.52 21.39 -17.82
CA LEU C 126 13.57 21.52 -16.38
C LEU C 126 14.22 22.83 -15.92
N SER C 127 15.34 23.20 -16.56
CA SER C 127 16.04 24.42 -16.19
C SER C 127 15.15 25.63 -16.30
N VAL C 128 14.16 25.56 -17.17
CA VAL C 128 13.23 26.67 -17.37
C VAL C 128 12.34 26.88 -16.15
N LEU C 129 12.07 25.81 -15.42
CA LEU C 129 11.21 25.88 -14.24
C LEU C 129 12.01 26.02 -12.95
N HIS C 130 13.29 25.67 -13.00
CA HIS C 130 14.15 25.77 -11.84
C HIS C 130 14.31 27.22 -11.39
N MET D 1 -0.03 -30.91 -0.63
CA MET D 1 0.70 -30.14 0.41
C MET D 1 -0.07 -28.88 0.79
N GLU D 2 -0.04 -28.53 2.07
CA GLU D 2 -0.70 -27.33 2.54
C GLU D 2 0.34 -26.49 3.26
N SER D 3 0.64 -25.31 2.73
CA SER D 3 1.62 -24.45 3.37
C SER D 3 0.91 -23.56 4.38
N VAL D 4 1.64 -23.13 5.40
CA VAL D 4 1.09 -22.26 6.42
C VAL D 4 2.05 -21.11 6.60
N THR D 5 1.57 -19.90 6.29
CA THR D 5 2.38 -18.71 6.38
C THR D 5 1.94 -17.84 7.54
N ARG D 6 2.85 -17.61 8.48
CA ARG D 6 2.55 -16.78 9.64
C ARG D 6 2.79 -15.33 9.27
N ILE D 7 1.77 -14.49 9.42
CA ILE D 7 1.91 -13.08 9.09
C ILE D 7 1.61 -12.18 10.27
N LYS D 8 2.60 -11.38 10.65
CA LYS D 8 2.43 -10.44 11.73
C LYS D 8 1.85 -9.17 11.09
N VAL D 9 0.67 -8.76 11.56
CA VAL D 9 -0.01 -7.59 11.03
C VAL D 9 0.82 -6.32 11.24
N ARG D 10 0.93 -5.50 10.20
CA ARG D 10 1.68 -4.25 10.28
C ARG D 10 0.76 -3.10 10.60
N TYR D 11 1.27 -2.13 11.35
CA TYR D 11 0.50 -0.96 11.72
C TYR D 11 -0.02 -0.29 10.44
N ALA D 12 0.83 -0.24 9.41
CA ALA D 12 0.48 0.38 8.15
C ALA D 12 -0.67 -0.32 7.43
N GLU D 13 -0.97 -1.55 7.81
CA GLU D 13 -2.05 -2.29 7.17
C GLU D 13 -3.43 -2.14 7.81
N THR D 14 -3.51 -1.53 9.00
CA THR D 14 -4.80 -1.35 9.65
C THR D 14 -5.38 -0.01 9.19
N ASP D 15 -6.70 0.06 9.12
CA ASP D 15 -7.37 1.28 8.69
C ASP D 15 -8.10 1.97 9.84
N GLN D 16 -8.98 2.90 9.47
CA GLN D 16 -9.79 3.70 10.38
C GLN D 16 -10.65 2.92 11.38
N MET D 17 -11.20 1.78 10.95
CA MET D 17 -12.04 0.96 11.83
C MET D 17 -11.17 0.14 12.79
N GLY D 18 -9.87 0.39 12.75
CA GLY D 18 -8.97 -0.34 13.63
C GLY D 18 -8.74 -1.78 13.21
N VAL D 19 -9.01 -2.09 11.95
CA VAL D 19 -8.79 -3.45 11.45
C VAL D 19 -7.97 -3.41 10.17
N VAL D 20 -7.45 -4.58 9.77
CA VAL D 20 -6.67 -4.71 8.55
C VAL D 20 -7.58 -4.41 7.36
N HIS D 21 -7.22 -3.43 6.54
CA HIS D 21 -8.02 -3.06 5.39
C HIS D 21 -8.25 -4.26 4.48
N HIS D 22 -9.46 -4.36 3.91
CA HIS D 22 -9.78 -5.49 3.06
C HIS D 22 -8.85 -5.64 1.87
N SER D 23 -8.31 -4.55 1.37
CA SER D 23 -7.40 -4.60 0.22
C SER D 23 -6.07 -5.29 0.56
N VAL D 24 -5.72 -5.28 1.83
CA VAL D 24 -4.46 -5.90 2.27
C VAL D 24 -4.47 -7.42 2.14
N TYR D 25 -5.62 -8.06 2.38
CA TYR D 25 -5.70 -9.51 2.31
C TYR D 25 -5.12 -10.10 1.03
N ALA D 26 -5.28 -9.40 -0.09
CA ALA D 26 -4.74 -9.89 -1.36
C ALA D 26 -3.21 -9.99 -1.27
N VAL D 27 -2.58 -9.03 -0.57
CA VAL D 27 -1.13 -9.04 -0.41
C VAL D 27 -0.76 -10.23 0.48
N TYR D 28 -1.62 -10.56 1.44
CA TYR D 28 -1.37 -11.69 2.32
C TYR D 28 -1.43 -12.99 1.52
N LEU D 29 -2.46 -13.14 0.70
CA LEU D 29 -2.60 -14.35 -0.10
C LEU D 29 -1.43 -14.51 -1.05
N GLU D 30 -0.90 -13.39 -1.54
CA GLU D 30 0.24 -13.42 -2.45
C GLU D 30 1.48 -13.90 -1.70
N ALA D 31 1.72 -13.38 -0.49
CA ALA D 31 2.89 -13.78 0.28
C ALA D 31 2.82 -15.28 0.59
N ALA D 32 1.65 -15.75 0.98
CA ALA D 32 1.43 -17.16 1.30
C ALA D 32 1.63 -18.05 0.08
N ARG D 33 1.22 -17.54 -1.07
CA ARG D 33 1.35 -18.26 -2.33
C ARG D 33 2.83 -18.45 -2.64
N VAL D 34 3.60 -17.36 -2.48
CA VAL D 34 5.04 -17.37 -2.70
C VAL D 34 5.65 -18.47 -1.84
N ASP D 35 5.31 -18.47 -0.56
CA ASP D 35 5.83 -19.47 0.37
C ASP D 35 5.52 -20.87 -0.14
N PHE D 36 4.28 -21.06 -0.57
CA PHE D 36 3.85 -22.35 -1.09
C PHE D 36 4.72 -22.79 -2.27
N LEU D 37 4.93 -21.91 -3.23
CA LEU D 37 5.75 -22.23 -4.39
C LEU D 37 7.17 -22.58 -3.97
N GLU D 38 7.66 -21.87 -2.96
CA GLU D 38 9.01 -22.11 -2.44
C GLU D 38 9.13 -23.56 -1.95
N ARG D 39 8.19 -23.97 -1.09
CA ARG D 39 8.18 -25.32 -0.55
C ARG D 39 7.92 -26.34 -1.65
N ALA D 40 7.43 -25.88 -2.80
CA ALA D 40 7.15 -26.77 -3.91
C ALA D 40 8.36 -26.89 -4.81
N GLY D 41 9.50 -26.38 -4.34
CA GLY D 41 10.72 -26.44 -5.12
C GLY D 41 10.66 -25.49 -6.30
N LEU D 42 9.83 -24.44 -6.18
CA LEU D 42 9.68 -23.46 -7.25
C LEU D 42 9.67 -22.02 -6.72
N PRO D 43 10.79 -21.54 -6.17
CA PRO D 43 10.80 -20.16 -5.67
C PRO D 43 10.38 -19.24 -6.81
N TYR D 44 9.30 -18.50 -6.61
CA TYR D 44 8.77 -17.64 -7.66
C TYR D 44 9.73 -16.62 -8.26
N HIS D 45 10.63 -16.05 -7.46
CA HIS D 45 11.58 -15.08 -8.00
C HIS D 45 12.47 -15.77 -9.04
N ARG D 46 12.75 -17.05 -8.83
CA ARG D 46 13.58 -17.80 -9.76
C ARG D 46 12.77 -18.19 -11.00
N VAL D 47 11.49 -18.44 -10.79
CA VAL D 47 10.59 -18.80 -11.88
C VAL D 47 10.42 -17.59 -12.79
N GLU D 48 10.19 -16.44 -12.18
CA GLU D 48 10.00 -15.22 -12.93
C GLU D 48 11.30 -14.90 -13.68
N ALA D 49 12.43 -15.11 -13.01
CA ALA D 49 13.73 -14.87 -13.61
C ALA D 49 13.91 -15.73 -14.86
N ARG D 50 13.20 -16.85 -14.91
CA ARG D 50 13.28 -17.75 -16.06
C ARG D 50 12.40 -17.24 -17.19
N GLY D 51 11.61 -16.20 -16.89
CA GLY D 51 10.72 -15.65 -17.89
C GLY D 51 9.31 -16.20 -17.78
N VAL D 52 9.08 -16.99 -16.73
CA VAL D 52 7.78 -17.60 -16.48
C VAL D 52 7.00 -16.75 -15.46
N PHE D 53 5.73 -16.51 -15.73
CA PHE D 53 4.90 -15.69 -14.85
C PHE D 53 3.56 -16.36 -14.52
N PHE D 54 2.99 -16.01 -13.36
CA PHE D 54 1.70 -16.54 -12.93
C PHE D 54 0.75 -15.40 -12.57
N PRO D 55 0.37 -14.59 -13.58
CA PRO D 55 -0.53 -13.46 -13.35
C PRO D 55 -1.88 -13.90 -12.80
N VAL D 56 -2.48 -13.04 -11.98
CA VAL D 56 -3.78 -13.31 -11.37
C VAL D 56 -4.89 -12.89 -12.33
N VAL D 57 -5.77 -13.82 -12.69
CA VAL D 57 -6.88 -13.49 -13.58
C VAL D 57 -8.16 -13.33 -12.80
N GLU D 58 -8.19 -13.95 -11.62
CA GLU D 58 -9.36 -13.83 -10.77
C GLU D 58 -9.01 -13.93 -9.29
N LEU D 59 -9.71 -13.12 -8.50
CA LEU D 59 -9.52 -13.09 -7.06
C LEU D 59 -10.87 -13.15 -6.36
N GLY D 60 -10.93 -13.87 -5.25
CA GLY D 60 -12.16 -13.98 -4.51
C GLY D 60 -11.87 -14.06 -3.02
N LEU D 61 -12.53 -13.21 -2.24
CA LEU D 61 -12.34 -13.17 -0.79
C LEU D 61 -13.63 -12.93 -0.03
N THR D 62 -13.76 -13.66 1.07
CA THR D 62 -14.90 -13.53 1.96
C THR D 62 -14.28 -13.19 3.31
N PHE D 63 -14.76 -12.10 3.92
CA PHE D 63 -14.24 -11.66 5.21
C PHE D 63 -15.28 -11.92 6.31
N ARG D 64 -14.93 -12.80 7.24
CA ARG D 64 -15.85 -13.19 8.32
C ARG D 64 -15.60 -12.49 9.66
N ALA D 65 -14.33 -12.20 9.94
CA ALA D 65 -13.95 -11.53 11.19
C ALA D 65 -12.65 -10.81 10.93
N PRO D 66 -12.50 -9.61 11.49
CA PRO D 66 -11.30 -8.81 11.30
C PRO D 66 -10.04 -9.30 11.98
N ALA D 67 -8.92 -8.83 11.44
CA ALA D 67 -7.59 -9.11 11.98
C ALA D 67 -7.20 -7.74 12.48
N ARG D 68 -6.35 -7.66 13.48
CA ARG D 68 -5.96 -6.36 14.04
C ARG D 68 -4.48 -6.22 14.31
N PHE D 69 -4.01 -4.99 14.40
CA PHE D 69 -2.62 -4.74 14.69
C PHE D 69 -2.31 -5.35 16.06
N GLY D 70 -1.18 -6.04 16.14
CA GLY D 70 -0.79 -6.67 17.38
C GLY D 70 -0.99 -8.17 17.25
N GLU D 71 -1.77 -8.57 16.26
CA GLU D 71 -2.05 -9.98 16.04
C GLU D 71 -1.16 -10.60 14.98
N VAL D 72 -1.12 -11.93 14.98
CA VAL D 72 -0.38 -12.68 13.99
C VAL D 72 -1.40 -13.61 13.36
N VAL D 73 -1.46 -13.65 12.03
CA VAL D 73 -2.41 -14.52 11.36
C VAL D 73 -1.68 -15.58 10.57
N GLU D 74 -2.39 -16.67 10.32
CA GLU D 74 -1.85 -17.79 9.57
C GLU D 74 -2.67 -17.94 8.31
N VAL D 75 -1.98 -18.09 7.18
CA VAL D 75 -2.62 -18.27 5.90
C VAL D 75 -2.26 -19.65 5.36
N ARG D 76 -3.24 -20.55 5.35
CA ARG D 76 -3.01 -21.90 4.84
C ARG D 76 -3.35 -21.89 3.36
N THR D 77 -2.42 -22.35 2.54
CA THR D 77 -2.65 -22.34 1.10
C THR D 77 -2.57 -23.73 0.49
N ARG D 78 -3.49 -24.00 -0.43
CA ARG D 78 -3.53 -25.29 -1.13
C ARG D 78 -3.66 -24.99 -2.61
N LEU D 79 -3.12 -25.89 -3.43
CA LEU D 79 -3.26 -25.75 -4.87
C LEU D 79 -4.53 -26.56 -5.16
N ALA D 80 -5.64 -25.84 -5.33
CA ALA D 80 -6.94 -26.44 -5.57
C ALA D 80 -7.19 -27.06 -6.95
N GLU D 81 -6.78 -26.37 -8.00
CA GLU D 81 -6.97 -26.85 -9.37
C GLU D 81 -5.70 -26.59 -10.17
N LEU D 82 -5.38 -27.53 -11.06
CA LEU D 82 -4.22 -27.41 -11.93
C LEU D 82 -4.53 -27.97 -13.31
N SER D 83 -4.44 -27.11 -14.32
CA SER D 83 -4.68 -27.51 -15.70
C SER D 83 -3.39 -27.19 -16.47
N SER D 84 -3.34 -27.57 -17.74
CA SER D 84 -2.14 -27.32 -18.53
C SER D 84 -1.83 -25.83 -18.68
N ARG D 85 -2.86 -25.00 -18.60
CA ARG D 85 -2.67 -23.56 -18.76
C ARG D 85 -3.14 -22.72 -17.58
N ALA D 86 -3.52 -23.36 -16.48
CA ALA D 86 -4.00 -22.59 -15.34
C ALA D 86 -3.89 -23.29 -14.00
N LEU D 87 -4.00 -22.50 -12.95
CA LEU D 87 -3.95 -23.01 -11.59
C LEU D 87 -4.87 -22.20 -10.69
N LEU D 88 -5.44 -22.88 -9.70
CA LEU D 88 -6.35 -22.24 -8.76
C LEU D 88 -5.89 -22.52 -7.33
N PHE D 89 -5.61 -21.45 -6.60
CA PHE D 89 -5.18 -21.55 -5.23
C PHE D 89 -6.34 -21.21 -4.31
N ARG D 90 -6.41 -21.89 -3.18
CA ARG D 90 -7.42 -21.64 -2.17
C ARG D 90 -6.72 -21.30 -0.85
N TYR D 91 -7.24 -20.32 -0.13
CA TYR D 91 -6.61 -19.90 1.12
C TYR D 91 -7.58 -19.79 2.29
N ARG D 92 -7.01 -19.91 3.49
CA ARG D 92 -7.74 -19.76 4.74
C ARG D 92 -6.88 -18.86 5.61
N VAL D 93 -7.45 -17.74 6.05
CA VAL D 93 -6.73 -16.81 6.92
C VAL D 93 -7.32 -17.02 8.30
N GLU D 94 -6.53 -17.54 9.23
CA GLU D 94 -6.99 -17.81 10.58
C GLU D 94 -6.13 -17.16 11.67
N ARG D 95 -6.72 -17.01 12.84
CA ARG D 95 -6.03 -16.47 14.01
C ARG D 95 -6.42 -17.39 15.16
N GLU D 96 -5.47 -18.18 15.65
CA GLU D 96 -5.74 -19.10 16.75
C GLU D 96 -6.89 -20.04 16.41
N GLY D 97 -6.87 -20.63 15.22
CA GLY D 97 -7.92 -21.55 14.83
C GLY D 97 -9.23 -20.89 14.42
N VAL D 98 -9.30 -19.58 14.53
CA VAL D 98 -10.52 -18.86 14.17
C VAL D 98 -10.44 -18.36 12.72
N LEU D 99 -11.36 -18.82 11.88
CA LEU D 99 -11.38 -18.44 10.47
C LEU D 99 -11.80 -16.98 10.29
N LEU D 100 -10.86 -16.15 9.84
CA LEU D 100 -11.12 -14.73 9.64
C LEU D 100 -11.54 -14.43 8.21
N ALA D 101 -10.94 -15.15 7.26
CA ALA D 101 -11.26 -14.94 5.86
C ALA D 101 -10.82 -16.13 5.03
N GLU D 102 -11.41 -16.27 3.86
CA GLU D 102 -11.07 -17.36 2.95
C GLU D 102 -11.23 -16.83 1.53
N GLY D 103 -10.50 -17.41 0.61
CA GLY D 103 -10.59 -16.95 -0.76
C GLY D 103 -9.80 -17.80 -1.72
N PHE D 104 -9.65 -17.28 -2.92
CA PHE D 104 -8.92 -17.97 -3.96
C PHE D 104 -8.33 -16.98 -4.96
N THR D 105 -7.36 -17.47 -5.72
CA THR D 105 -6.76 -16.67 -6.77
C THR D 105 -6.59 -17.61 -7.94
N ARG D 106 -7.07 -17.19 -9.11
CA ARG D 106 -6.95 -17.99 -10.30
C ARG D 106 -5.87 -17.36 -11.16
N HIS D 107 -4.96 -18.19 -11.66
CA HIS D 107 -3.85 -17.69 -12.46
C HIS D 107 -3.70 -18.40 -13.80
N LEU D 108 -3.04 -17.70 -14.71
CA LEU D 108 -2.74 -18.22 -16.03
C LEU D 108 -1.22 -18.30 -15.97
N CYS D 109 -0.61 -18.87 -16.99
CA CYS D 109 0.84 -18.98 -17.03
C CYS D 109 1.36 -18.24 -18.25
N GLN D 110 2.15 -17.20 -18.01
CA GLN D 110 2.71 -16.43 -19.09
C GLN D 110 4.18 -16.78 -19.30
N VAL D 111 4.52 -17.16 -20.52
CA VAL D 111 5.90 -17.50 -20.86
C VAL D 111 6.44 -16.35 -21.69
N GLY D 112 7.53 -15.76 -21.22
CA GLY D 112 8.09 -14.63 -21.93
C GLY D 112 7.11 -13.50 -21.74
N GLU D 113 6.48 -13.08 -22.83
CA GLU D 113 5.48 -12.01 -22.76
C GLU D 113 4.17 -12.49 -23.36
N ARG D 114 3.96 -13.80 -23.37
CA ARG D 114 2.76 -14.39 -23.95
C ARG D 114 2.08 -15.44 -23.06
N ALA D 115 0.75 -15.47 -23.11
CA ALA D 115 -0.04 -16.43 -22.35
C ALA D 115 0.20 -17.80 -22.95
N ALA D 116 0.71 -18.73 -22.14
CA ALA D 116 1.00 -20.05 -22.64
C ALA D 116 0.76 -21.16 -21.61
N ARG D 117 1.08 -22.38 -22.02
CA ARG D 117 0.92 -23.54 -21.15
C ARG D 117 2.03 -23.48 -20.11
N ILE D 118 1.78 -24.11 -18.97
CA ILE D 118 2.77 -24.14 -17.90
C ILE D 118 3.91 -25.03 -18.36
N PRO D 119 5.16 -24.52 -18.31
CA PRO D 119 6.29 -25.33 -18.74
C PRO D 119 6.27 -26.69 -18.07
N GLU D 120 6.46 -27.73 -18.88
CA GLU D 120 6.44 -29.12 -18.40
C GLU D 120 7.08 -29.34 -17.03
N ASP D 121 8.35 -28.96 -16.89
CA ASP D 121 9.05 -29.16 -15.62
C ASP D 121 8.30 -28.56 -14.43
N ILE D 122 7.79 -27.34 -14.60
CA ILE D 122 7.05 -26.67 -13.54
C ILE D 122 5.69 -27.35 -13.32
N TYR D 123 5.04 -27.73 -14.42
CA TYR D 123 3.75 -28.40 -14.31
C TYR D 123 3.91 -29.69 -13.53
N ARG D 124 4.83 -30.54 -13.97
CA ARG D 124 5.11 -31.82 -13.31
C ARG D 124 5.31 -31.61 -11.81
N ALA D 125 6.16 -30.64 -11.47
CA ALA D 125 6.45 -30.34 -10.07
C ALA D 125 5.20 -29.99 -9.29
N LEU D 126 4.25 -29.31 -9.95
CA LEU D 126 3.02 -28.92 -9.29
C LEU D 126 2.01 -30.07 -9.22
N SER D 127 2.12 -31.01 -10.16
CA SER D 127 1.23 -32.15 -10.20
C SER D 127 1.56 -33.22 -9.17
N VAL D 128 2.52 -32.94 -8.27
CA VAL D 128 2.90 -33.91 -7.24
C VAL D 128 2.69 -33.37 -5.81
N LEU D 129 2.72 -32.06 -5.67
CA LEU D 129 2.53 -31.44 -4.37
C LEU D 129 1.13 -30.83 -4.27
N HIS D 130 0.17 -31.66 -3.84
CA HIS D 130 -1.22 -31.23 -3.67
C HIS D 130 -2.08 -32.39 -3.17
C1 GOL E . 1.61 5.75 15.09
O1 GOL E . 1.35 7.16 15.07
C2 GOL E . 2.80 5.45 14.19
O2 GOL E . 3.94 6.16 14.66
C3 GOL E . 3.10 3.95 14.20
O3 GOL E . 4.22 3.68 13.36
C1 GOL F . -6.08 11.68 -10.40
O1 GOL F . -6.71 10.54 -9.82
C2 GOL F . -5.06 12.27 -9.42
O2 GOL F . -4.08 11.28 -9.10
C3 GOL F . -4.38 13.49 -10.05
O3 GOL F . -3.43 14.00 -9.12
C1 GOL G . 5.01 29.73 -14.92
O1 GOL G . 4.52 29.59 -16.26
C2 GOL G . 4.02 29.09 -13.94
O2 GOL G . 3.86 27.70 -14.26
C3 GOL G . 4.56 29.24 -12.51
O3 GOL G . 3.66 28.64 -11.58
#